data_9B86
#
_entry.id   9B86
#
_cell.length_a   48.631
_cell.length_b   49.817
_cell.length_c   98.912
_cell.angle_alpha   90.00
_cell.angle_beta   90.00
_cell.angle_gamma   90.00
#
_symmetry.space_group_name_H-M   'P 21 21 21'
#
loop_
_entity.id
_entity.type
_entity.pdbx_description
1 polymer 'Heme-binding protein FetB'
2 non-polymer 'MAGNESIUM ION'
3 non-polymer GLYCEROL
4 water water
#
_entity_poly.entity_id   1
_entity_poly.type   'polypeptide(L)'
_entity_poly.pdbx_seq_one_letter_code
;MKKLILATLGLMAIAMLSCSSNNKDLENKGEATLLVTFGSSYKAPRETYAKIEKTFAAAYPDQRISWTYTSSIIRKKLAQ
QGIYIDAPDEALEKLARLGYKKINVQSLHVIPGREYDEMIDFVNKFKAAHSDITVKVGRPLFDTDEDMREVAEILHKRFQ
QTIEKGEAIVFMGHGTEHAANDRYARINKIMKNYSKFMIVGTVESDPSINDVIAELKETGATAVTMMPLMSVAGDHATND
MAGDEDDSWKTLLTNAGYTVSIDKLDNGNFSALGDIEEIRNIWLKHMKATSAR
;
_entity_poly.pdbx_strand_id   A
#
loop_
_chem_comp.id
_chem_comp.type
_chem_comp.name
_chem_comp.formula
GOL non-polymer GLYCEROL 'C3 H8 O3'
MG non-polymer 'MAGNESIUM ION' 'Mg 2'
#
# COMPACT_ATOMS: atom_id res chain seq x y z
N GLY A 30 -14.02 -4.26 -25.61
CA GLY A 30 -14.35 -4.22 -24.18
C GLY A 30 -13.22 -4.67 -23.28
N GLU A 31 -12.76 -3.75 -22.43
CA GLU A 31 -11.69 -4.01 -21.47
C GLU A 31 -12.26 -4.25 -20.09
N ALA A 32 -11.60 -5.11 -19.32
CA ALA A 32 -11.93 -5.30 -17.91
C ALA A 32 -10.66 -5.13 -17.08
N THR A 33 -10.86 -4.75 -15.81
CA THR A 33 -9.73 -4.50 -14.93
C THR A 33 -9.90 -5.34 -13.67
N LEU A 34 -8.84 -6.04 -13.28
CA LEU A 34 -8.82 -6.80 -12.03
C LEU A 34 -7.82 -6.14 -11.10
N LEU A 35 -8.31 -5.74 -9.93
CA LEU A 35 -7.48 -5.16 -8.86
C LEU A 35 -7.04 -6.26 -7.90
N VAL A 36 -5.73 -6.31 -7.63
CA VAL A 36 -5.11 -7.39 -6.88
C VAL A 36 -4.54 -6.84 -5.57
N THR A 37 -5.03 -7.37 -4.45
CA THR A 37 -4.49 -7.01 -3.15
C THR A 37 -4.40 -8.26 -2.30
N PHE A 38 -3.61 -8.21 -1.23
CA PHE A 38 -3.60 -9.30 -0.27
C PHE A 38 -4.97 -9.49 0.38
N GLY A 39 -5.62 -8.40 0.77
CA GLY A 39 -6.95 -8.44 1.31
C GLY A 39 -6.98 -8.15 2.80
N SER A 40 -8.19 -7.91 3.28
CA SER A 40 -8.45 -7.69 4.69
C SER A 40 -9.90 -8.01 4.98
N SER A 41 -10.16 -8.47 6.21
CA SER A 41 -11.51 -8.72 6.67
C SER A 41 -12.09 -7.55 7.44
N TYR A 42 -11.31 -6.52 7.71
CA TYR A 42 -11.70 -5.44 8.61
C TYR A 42 -12.32 -4.27 7.86
N LYS A 43 -13.16 -3.50 8.57
CA LYS A 43 -13.98 -2.48 7.94
C LYS A 43 -13.14 -1.33 7.39
N ALA A 44 -12.16 -0.83 8.16
CA ALA A 44 -11.40 0.33 7.70
C ALA A 44 -10.61 0.04 6.43
N PRO A 45 -9.84 -1.05 6.33
CA PRO A 45 -9.17 -1.33 5.05
C PRO A 45 -10.15 -1.49 3.91
N ARG A 46 -11.31 -2.08 4.17
CA ARG A 46 -12.24 -2.31 3.08
C ARG A 46 -12.85 -1.00 2.60
N GLU A 47 -12.93 0.02 3.46
CA GLU A 47 -13.30 1.34 2.98
C GLU A 47 -12.24 1.92 2.06
N THR A 48 -10.96 1.71 2.39
CA THR A 48 -9.89 2.15 1.49
C THR A 48 -10.00 1.46 0.14
N TYR A 49 -10.21 0.14 0.15
CA TYR A 49 -10.41 -0.57 -1.11
C TYR A 49 -11.52 0.06 -1.93
N ALA A 50 -12.61 0.47 -1.28
CA ALA A 50 -13.72 1.08 -2.01
C ALA A 50 -13.28 2.37 -2.68
N LYS A 51 -12.39 3.14 -2.03
CA LYS A 51 -11.91 4.37 -2.64
C LYS A 51 -11.08 4.07 -3.87
N ILE A 52 -10.29 3.00 -3.81
CA ILE A 52 -9.47 2.62 -4.96
C ILE A 52 -10.37 2.20 -6.11
N GLU A 53 -11.38 1.38 -5.83
CA GLU A 53 -12.35 1.03 -6.89
C GLU A 53 -12.99 2.27 -7.49
N LYS A 54 -13.39 3.22 -6.65
CA LYS A 54 -14.04 4.43 -7.15
C LYS A 54 -13.10 5.22 -8.05
N THR A 55 -11.81 5.30 -7.68
CA THR A 55 -10.86 6.03 -8.53
C THR A 55 -10.76 5.38 -9.90
N PHE A 56 -10.70 4.05 -9.94
CA PHE A 56 -10.55 3.34 -11.22
C PHE A 56 -11.85 3.44 -12.02
N ALA A 57 -12.99 3.35 -11.35
CA ALA A 57 -14.29 3.42 -12.02
C ALA A 57 -14.53 4.80 -12.61
N ALA A 58 -14.10 5.85 -11.92
CA ALA A 58 -14.25 7.19 -12.44
C ALA A 58 -13.38 7.40 -13.67
N ALA A 59 -12.18 6.81 -13.65
CA ALA A 59 -11.27 6.96 -14.79
C ALA A 59 -11.72 6.13 -15.99
N TYR A 60 -12.34 4.98 -15.77
CA TYR A 60 -12.76 4.07 -16.84
C TYR A 60 -14.21 3.67 -16.62
N PRO A 61 -15.15 4.59 -16.85
CA PRO A 61 -16.54 4.37 -16.43
C PRO A 61 -17.28 3.25 -17.17
N ASP A 62 -16.77 2.77 -18.29
CA ASP A 62 -17.39 1.70 -19.06
C ASP A 62 -16.79 0.33 -18.80
N GLN A 63 -15.79 0.23 -17.94
CA GLN A 63 -15.08 -1.02 -17.72
C GLN A 63 -15.67 -1.76 -16.54
N ARG A 64 -15.67 -3.08 -16.62
CA ARG A 64 -15.90 -3.87 -15.42
C ARG A 64 -14.64 -3.84 -14.57
N ILE A 65 -14.79 -3.50 -13.30
CA ILE A 65 -13.70 -3.57 -12.35
C ILE A 65 -13.97 -4.70 -11.39
N SER A 66 -13.03 -5.62 -11.29
CA SER A 66 -13.15 -6.80 -10.44
C SER A 66 -12.05 -6.80 -9.40
N TRP A 67 -12.27 -7.56 -8.34
CA TRP A 67 -11.32 -7.69 -7.25
C TRP A 67 -10.91 -9.13 -7.04
N THR A 68 -9.66 -9.32 -6.62
CA THR A 68 -9.29 -10.54 -5.92
C THR A 68 -8.44 -10.19 -4.71
N TYR A 69 -8.71 -10.88 -3.61
CA TYR A 69 -7.83 -10.89 -2.43
C TYR A 69 -7.05 -12.18 -2.46
N THR A 70 -5.73 -12.08 -2.45
CA THR A 70 -4.89 -13.27 -2.65
C THR A 70 -4.77 -14.12 -1.40
N SER A 71 -5.04 -13.58 -0.21
CA SER A 71 -4.96 -14.37 1.01
C SER A 71 -6.14 -15.33 1.10
N SER A 72 -5.86 -16.63 1.06
CA SER A 72 -6.92 -17.62 1.12
C SER A 72 -7.69 -17.50 2.43
N ILE A 73 -6.97 -17.32 3.54
CA ILE A 73 -7.69 -17.34 4.82
C ILE A 73 -8.56 -16.11 4.96
N ILE A 74 -8.14 -14.96 4.41
CA ILE A 74 -8.99 -13.78 4.51
C ILE A 74 -10.25 -13.96 3.66
N ARG A 75 -10.12 -14.53 2.46
CA ARG A 75 -11.31 -14.84 1.66
C ARG A 75 -12.27 -15.72 2.45
N LYS A 76 -11.75 -16.73 3.16
CA LYS A 76 -12.62 -17.62 3.92
C LYS A 76 -13.35 -16.88 5.04
N LYS A 77 -12.65 -16.01 5.78
CA LYS A 77 -13.32 -15.27 6.86
C LYS A 77 -14.39 -14.35 6.32
N LEU A 78 -14.13 -13.70 5.18
CA LEU A 78 -15.14 -12.83 4.60
C LEU A 78 -16.38 -13.61 4.17
N ALA A 79 -16.17 -14.81 3.63
CA ALA A 79 -17.31 -15.63 3.21
C ALA A 79 -18.22 -15.95 4.39
N GLN A 80 -17.63 -16.17 5.57
CA GLN A 80 -18.38 -16.37 6.80
C GLN A 80 -19.25 -15.16 7.15
N GLN A 81 -18.95 -14.00 6.57
CA GLN A 81 -19.65 -12.76 6.84
C GLN A 81 -20.63 -12.39 5.73
N GLY A 82 -20.81 -13.25 4.73
CA GLY A 82 -21.61 -12.94 3.57
C GLY A 82 -20.91 -12.14 2.49
N ILE A 83 -19.58 -12.03 2.52
CA ILE A 83 -18.82 -11.25 1.57
C ILE A 83 -17.99 -12.22 0.73
N TYR A 84 -18.26 -12.29 -0.56
CA TYR A 84 -17.71 -13.33 -1.42
C TYR A 84 -16.70 -12.72 -2.38
N ILE A 85 -15.42 -13.02 -2.14
CA ILE A 85 -14.31 -12.52 -2.94
C ILE A 85 -13.72 -13.69 -3.71
N ASP A 86 -13.45 -13.49 -5.00
CA ASP A 86 -12.91 -14.55 -5.83
C ASP A 86 -11.43 -14.74 -5.58
N ALA A 87 -11.00 -16.00 -5.60
CA ALA A 87 -9.58 -16.28 -5.70
C ALA A 87 -9.09 -15.78 -7.06
N PRO A 88 -7.77 -15.57 -7.20
CA PRO A 88 -7.27 -14.97 -8.46
C PRO A 88 -7.64 -15.76 -9.71
N ASP A 89 -7.45 -17.09 -9.71
CA ASP A 89 -7.81 -17.88 -10.88
C ASP A 89 -9.32 -17.81 -11.16
N GLU A 90 -10.13 -17.89 -10.11
CA GLU A 90 -11.56 -17.69 -10.24
C GLU A 90 -11.88 -16.33 -10.87
N ALA A 91 -11.20 -15.29 -10.39
CA ALA A 91 -11.52 -13.94 -10.84
C ALA A 91 -11.20 -13.76 -12.31
N LEU A 92 -10.06 -14.28 -12.79
CA LEU A 92 -9.70 -14.11 -14.19
C LEU A 92 -10.53 -15.02 -15.10
N GLU A 93 -10.77 -16.26 -14.69
CA GLU A 93 -11.60 -17.17 -15.50
C GLU A 93 -12.98 -16.57 -15.71
N LYS A 94 -13.55 -15.98 -14.66
CA LYS A 94 -14.86 -15.34 -14.77
C LYS A 94 -14.84 -14.22 -15.80
N LEU A 95 -13.73 -13.49 -15.89
CA LEU A 95 -13.59 -12.47 -16.92
C LEU A 95 -13.47 -13.09 -18.31
N ALA A 96 -12.72 -14.19 -18.43
CA ALA A 96 -12.63 -14.88 -19.71
C ALA A 96 -13.99 -15.39 -20.18
N ARG A 97 -14.76 -16.00 -19.27
CA ARG A 97 -16.08 -16.52 -19.60
C ARG A 97 -17.07 -15.42 -19.96
N LEU A 98 -16.73 -14.16 -19.72
CA LEU A 98 -17.61 -13.06 -20.07
C LEU A 98 -17.26 -12.46 -21.42
N GLY A 99 -16.21 -12.94 -22.09
CA GLY A 99 -15.88 -12.54 -23.43
C GLY A 99 -14.71 -11.57 -23.54
N TYR A 100 -14.18 -11.08 -22.43
CA TYR A 100 -13.15 -10.05 -22.49
C TYR A 100 -11.89 -10.60 -23.15
N LYS A 101 -11.39 -9.87 -24.14
CA LYS A 101 -10.15 -10.22 -24.82
C LYS A 101 -9.01 -9.27 -24.44
N LYS A 102 -9.28 -8.29 -23.59
CA LYS A 102 -8.29 -7.34 -23.12
C LYS A 102 -8.53 -7.18 -21.62
N ILE A 103 -7.56 -7.58 -20.80
CA ILE A 103 -7.71 -7.55 -19.35
C ILE A 103 -6.54 -6.79 -18.75
N ASN A 104 -6.83 -5.85 -17.85
CA ASN A 104 -5.81 -5.18 -17.08
C ASN A 104 -5.81 -5.79 -15.68
N VAL A 105 -4.62 -6.11 -15.18
CA VAL A 105 -4.47 -6.67 -13.84
C VAL A 105 -3.52 -5.74 -13.09
N GLN A 106 -4.04 -4.98 -12.13
CA GLN A 106 -3.27 -3.93 -11.49
C GLN A 106 -2.82 -4.36 -10.10
N SER A 107 -1.52 -4.29 -9.86
CA SER A 107 -1.02 -4.50 -8.49
C SER A 107 -1.39 -3.32 -7.59
N LEU A 108 -2.02 -3.60 -6.47
CA LEU A 108 -2.20 -2.60 -5.43
C LEU A 108 -1.17 -2.76 -4.31
N HIS A 109 -0.04 -3.38 -4.61
CA HIS A 109 1.05 -3.51 -3.65
C HIS A 109 1.89 -2.25 -3.59
N VAL A 110 2.70 -2.15 -2.55
CA VAL A 110 3.59 -1.03 -2.35
C VAL A 110 4.93 -1.27 -3.03
N ILE A 111 5.43 -2.51 -2.98
CA ILE A 111 6.74 -2.82 -3.58
C ILE A 111 6.57 -4.00 -4.53
N PRO A 112 7.48 -4.14 -5.51
CA PRO A 112 7.46 -5.32 -6.42
C PRO A 112 8.15 -6.51 -5.77
N GLY A 113 7.56 -7.01 -4.69
CA GLY A 113 8.13 -8.12 -3.94
C GLY A 113 7.42 -9.42 -4.16
N ARG A 114 7.37 -10.27 -3.12
CA ARG A 114 6.87 -11.63 -3.29
C ARG A 114 5.44 -11.66 -3.79
N GLU A 115 4.57 -10.80 -3.25
CA GLU A 115 3.18 -10.83 -3.67
C GLU A 115 3.02 -10.37 -5.11
N TYR A 116 3.83 -9.39 -5.54
CA TYR A 116 3.83 -9.00 -6.95
C TYR A 116 4.23 -10.16 -7.84
N ASP A 117 5.23 -10.94 -7.42
CA ASP A 117 5.68 -12.09 -8.20
C ASP A 117 4.62 -13.17 -8.29
N GLU A 118 3.87 -13.41 -7.20
CA GLU A 118 2.79 -14.37 -7.26
C GLU A 118 1.62 -13.87 -8.09
N MET A 119 1.45 -12.55 -8.21
CA MET A 119 0.49 -12.01 -9.16
C MET A 119 0.82 -12.45 -10.58
N ILE A 120 2.04 -12.12 -11.00
CA ILE A 120 2.53 -12.47 -12.33
C ILE A 120 2.31 -13.95 -12.60
N ASP A 121 2.53 -14.79 -11.58
CA ASP A 121 2.41 -16.22 -11.75
C ASP A 121 0.98 -16.64 -12.09
N PHE A 122 -0.02 -16.11 -11.36
CA PHE A 122 -1.36 -16.52 -11.73
C PHE A 122 -1.84 -15.83 -12.99
N VAL A 123 -1.25 -14.68 -13.33
CA VAL A 123 -1.53 -14.05 -14.62
C VAL A 123 -1.03 -14.93 -15.76
N ASN A 124 0.18 -15.49 -15.62
CA ASN A 124 0.73 -16.34 -16.67
C ASN A 124 0.00 -17.68 -16.75
N LYS A 125 -0.30 -18.29 -15.60
CA LYS A 125 -1.15 -19.48 -15.61
C LYS A 125 -2.45 -19.22 -16.36
N PHE A 126 -2.94 -17.98 -16.34
CA PHE A 126 -4.16 -17.61 -17.05
C PHE A 126 -3.88 -17.39 -18.54
N LYS A 127 -2.80 -16.65 -18.86
CA LYS A 127 -2.48 -16.40 -20.27
C LYS A 127 -2.29 -17.71 -21.03
N ALA A 128 -1.64 -18.69 -20.41
CA ALA A 128 -1.42 -19.97 -21.06
C ALA A 128 -2.74 -20.59 -21.51
N ALA A 129 -3.75 -20.57 -20.63
CA ALA A 129 -5.03 -21.17 -20.98
C ALA A 129 -5.83 -20.32 -21.95
N HIS A 130 -5.36 -19.10 -22.31
CA HIS A 130 -6.17 -18.16 -23.10
C HIS A 130 -5.23 -17.35 -24.00
N SER A 131 -4.89 -17.93 -25.16
CA SER A 131 -3.94 -17.30 -26.07
C SER A 131 -4.51 -16.08 -26.78
N ASP A 132 -5.83 -15.96 -26.87
CA ASP A 132 -6.49 -14.85 -27.56
C ASP A 132 -6.72 -13.64 -26.66
N ILE A 133 -6.55 -13.79 -25.34
CA ILE A 133 -6.80 -12.70 -24.39
C ILE A 133 -5.49 -11.98 -24.13
N THR A 134 -5.47 -10.68 -24.37
CA THR A 134 -4.29 -9.86 -24.08
C THR A 134 -4.40 -9.32 -22.66
N VAL A 135 -3.37 -9.56 -21.85
CA VAL A 135 -3.36 -9.17 -20.44
C VAL A 135 -2.28 -8.13 -20.22
N LYS A 136 -2.67 -6.95 -19.71
CA LYS A 136 -1.76 -5.88 -19.36
C LYS A 136 -1.62 -5.81 -17.84
N VAL A 137 -0.38 -5.76 -17.35
CA VAL A 137 -0.08 -5.79 -15.92
C VAL A 137 0.44 -4.42 -15.51
N GLY A 138 -0.09 -3.89 -14.40
CA GLY A 138 0.35 -2.63 -13.83
C GLY A 138 1.17 -2.86 -12.58
N ARG A 139 2.22 -2.05 -12.42
CA ARG A 139 3.25 -2.23 -11.42
C ARG A 139 2.83 -1.69 -10.05
N PRO A 140 3.47 -2.14 -8.97
CA PRO A 140 3.15 -1.59 -7.65
C PRO A 140 3.58 -0.14 -7.45
N LEU A 141 3.30 0.40 -6.27
CA LEU A 141 3.44 1.83 -6.03
C LEU A 141 4.89 2.31 -6.17
N PHE A 142 5.83 1.65 -5.50
CA PHE A 142 7.23 2.08 -5.45
C PHE A 142 8.04 1.44 -6.56
N ASP A 143 7.54 1.38 -7.79
CA ASP A 143 8.25 0.66 -8.84
C ASP A 143 9.54 1.35 -9.24
N THR A 144 9.48 2.66 -9.51
CA THR A 144 10.61 3.43 -10.02
C THR A 144 10.97 4.59 -9.09
N ASP A 145 12.14 5.18 -9.34
CA ASP A 145 12.53 6.40 -8.64
C ASP A 145 11.49 7.50 -8.82
N GLU A 146 10.96 7.63 -10.06
CA GLU A 146 9.93 8.62 -10.33
C GLU A 146 8.72 8.43 -9.42
N ASP A 147 8.28 7.17 -9.27
CA ASP A 147 7.16 6.86 -8.39
C ASP A 147 7.45 7.30 -6.96
N MET A 148 8.68 7.07 -6.49
CA MET A 148 8.99 7.31 -5.10
C MET A 148 9.10 8.81 -4.83
N ARG A 149 9.62 9.57 -5.81
CA ARG A 149 9.59 11.03 -5.73
C ARG A 149 8.16 11.56 -5.65
N GLU A 150 7.26 11.00 -6.48
CA GLU A 150 5.87 11.43 -6.48
C GLU A 150 5.22 11.11 -5.14
N VAL A 151 5.48 9.92 -4.60
CA VAL A 151 4.94 9.56 -3.29
C VAL A 151 5.50 10.50 -2.22
N ALA A 152 6.81 10.74 -2.26
CA ALA A 152 7.41 11.65 -1.29
C ALA A 152 6.81 13.04 -1.39
N GLU A 153 6.55 13.53 -2.61
CA GLU A 153 5.98 14.86 -2.71
C GLU A 153 4.55 14.88 -2.15
N ILE A 154 3.77 13.83 -2.43
CA ILE A 154 2.40 13.75 -1.95
C ILE A 154 2.37 13.72 -0.42
N LEU A 155 3.22 12.89 0.17
CA LEU A 155 3.25 12.79 1.63
C LEU A 155 3.77 14.07 2.26
N HIS A 156 4.75 14.72 1.61
CA HIS A 156 5.18 16.02 2.11
C HIS A 156 4.02 17.00 2.14
N LYS A 157 3.22 17.02 1.08
CA LYS A 157 2.09 17.93 1.00
C LYS A 157 1.10 17.64 2.12
N ARG A 158 0.84 16.34 2.36
CA ARG A 158 -0.10 15.94 3.40
C ARG A 158 0.33 16.46 4.76
N PHE A 159 1.63 16.36 5.05
CA PHE A 159 2.13 16.66 6.39
C PHE A 159 2.86 17.99 6.49
N GLN A 160 2.78 18.85 5.46
CA GLN A 160 3.62 20.05 5.48
C GLN A 160 3.34 20.93 6.69
N GLN A 161 2.09 21.00 7.16
CA GLN A 161 1.81 21.85 8.31
C GLN A 161 2.44 21.30 9.58
N THR A 162 2.53 19.98 9.68
CA THR A 162 3.16 19.35 10.84
C THR A 162 4.68 19.51 10.76
N ILE A 163 5.24 19.24 9.58
CA ILE A 163 6.67 19.41 9.35
C ILE A 163 7.11 20.85 9.62
N GLU A 164 6.26 21.80 9.27
CA GLU A 164 6.56 23.22 9.47
C GLU A 164 6.78 23.55 10.95
N LYS A 165 6.12 22.84 11.85
CA LYS A 165 6.29 23.05 13.28
C LYS A 165 7.46 22.25 13.86
N GLY A 166 8.27 21.61 13.02
CA GLY A 166 9.41 20.87 13.50
C GLY A 166 9.05 19.54 14.15
N GLU A 167 7.92 18.96 13.75
CA GLU A 167 7.52 17.65 14.21
C GLU A 167 7.85 16.64 13.12
N ALA A 168 8.36 15.48 13.51
CA ALA A 168 8.76 14.48 12.52
C ALA A 168 7.59 13.61 12.09
N ILE A 169 7.68 13.08 10.88
CA ILE A 169 6.72 12.13 10.34
C ILE A 169 7.45 10.83 10.14
N VAL A 170 7.01 9.78 10.83
CA VAL A 170 7.63 8.45 10.72
C VAL A 170 6.68 7.56 9.94
N PHE A 171 7.20 6.92 8.89
CA PHE A 171 6.41 6.06 8.02
C PHE A 171 6.84 4.62 8.25
N MET A 172 5.89 3.76 8.61
CA MET A 172 6.19 2.38 9.00
C MET A 172 5.85 1.43 7.86
N GLY A 173 6.89 0.89 7.19
CA GLY A 173 6.64 -0.14 6.19
C GLY A 173 6.74 -1.52 6.80
N HIS A 174 6.27 -2.53 6.07
CA HIS A 174 6.31 -3.87 6.65
C HIS A 174 7.73 -4.42 6.69
N GLY A 175 8.36 -4.54 5.53
CA GLY A 175 9.70 -5.07 5.45
C GLY A 175 9.73 -6.53 5.04
N THR A 176 10.72 -6.88 4.21
CA THR A 176 10.79 -8.19 3.58
C THR A 176 12.24 -8.57 3.35
N GLU A 177 12.48 -9.87 3.19
CA GLU A 177 13.78 -10.34 2.74
C GLU A 177 13.92 -10.27 1.22
N HIS A 178 12.81 -10.09 0.48
CA HIS A 178 12.86 -9.91 -0.95
C HIS A 178 13.78 -8.75 -1.31
N ALA A 179 14.42 -8.84 -2.48
CA ALA A 179 15.31 -7.77 -2.90
C ALA A 179 14.57 -6.44 -3.04
N ALA A 180 13.26 -6.48 -3.31
CA ALA A 180 12.48 -5.25 -3.41
C ALA A 180 12.38 -4.50 -2.09
N ASN A 181 12.86 -5.09 -0.99
CA ASN A 181 12.94 -4.35 0.27
C ASN A 181 13.76 -3.08 0.14
N ASP A 182 14.61 -2.98 -0.89
CA ASP A 182 15.45 -1.82 -1.07
C ASP A 182 14.62 -0.55 -1.26
N ARG A 183 13.34 -0.68 -1.62
CA ARG A 183 12.54 0.52 -1.86
C ARG A 183 12.36 1.34 -0.60
N TYR A 184 12.42 0.72 0.58
CA TYR A 184 12.19 1.48 1.81
C TYR A 184 13.37 2.38 2.12
N ALA A 185 14.59 1.85 2.06
CA ALA A 185 15.76 2.71 2.19
C ALA A 185 15.82 3.72 1.05
N ARG A 186 15.43 3.32 -0.15
CA ARG A 186 15.49 4.24 -1.29
C ARG A 186 14.52 5.41 -1.13
N ILE A 187 13.27 5.14 -0.72
CA ILE A 187 12.36 6.28 -0.58
C ILE A 187 12.75 7.11 0.64
N ASN A 188 13.33 6.50 1.68
CA ASN A 188 13.84 7.28 2.80
C ASN A 188 14.84 8.34 2.33
N LYS A 189 15.77 7.96 1.44
CA LYS A 189 16.74 8.94 0.95
C LYS A 189 16.08 9.97 0.04
N ILE A 190 15.16 9.52 -0.82
CA ILE A 190 14.44 10.47 -1.66
C ILE A 190 13.69 11.50 -0.82
N MET A 191 13.07 11.07 0.30
CA MET A 191 12.33 12.00 1.16
C MET A 191 13.20 13.09 1.77
N LYS A 192 14.52 12.88 1.86
CA LYS A 192 15.39 13.92 2.39
C LYS A 192 15.44 15.15 1.48
N ASN A 193 15.10 15.02 0.19
CA ASN A 193 14.98 16.19 -0.67
C ASN A 193 13.78 17.07 -0.32
N TYR A 194 12.83 16.54 0.44
CA TYR A 194 11.61 17.25 0.82
C TYR A 194 11.68 17.74 2.25
N SER A 195 12.12 16.89 3.19
CA SER A 195 12.32 17.33 4.57
C SER A 195 13.12 16.30 5.34
N LYS A 196 14.04 16.79 6.18
CA LYS A 196 14.75 15.91 7.09
C LYS A 196 13.80 15.26 8.08
N PHE A 197 12.59 15.80 8.23
CA PHE A 197 11.65 15.29 9.21
C PHE A 197 10.83 14.10 8.71
N MET A 198 10.98 13.72 7.44
CA MET A 198 10.26 12.56 6.91
C MET A 198 11.18 11.35 6.91
N ILE A 199 10.80 10.33 7.68
CA ILE A 199 11.70 9.23 8.03
C ILE A 199 10.97 7.92 7.86
N VAL A 200 11.59 6.96 7.17
CA VAL A 200 10.99 5.67 6.87
C VAL A 200 11.76 4.57 7.59
N GLY A 201 11.03 3.61 8.17
CA GLY A 201 11.61 2.36 8.63
C GLY A 201 10.69 1.21 8.30
N THR A 202 11.12 0.01 8.69
CA THR A 202 10.29 -1.18 8.50
C THR A 202 10.23 -1.98 9.80
N VAL A 203 9.13 -2.71 9.92
CA VAL A 203 8.93 -3.55 11.11
C VAL A 203 9.87 -4.73 11.11
N GLU A 204 10.05 -5.39 9.97
CA GLU A 204 10.69 -6.68 9.93
C GLU A 204 12.05 -6.68 9.26
N SER A 205 12.46 -5.57 8.66
CA SER A 205 13.73 -5.57 7.92
C SER A 205 14.50 -4.27 8.17
N ASP A 206 15.28 -3.83 7.19
CA ASP A 206 16.02 -2.58 7.25
C ASP A 206 15.45 -1.55 6.27
N PRO A 207 15.48 -0.25 6.61
CA PRO A 207 15.88 0.34 7.91
C PRO A 207 14.94 -0.13 9.01
N SER A 208 15.48 -0.31 10.22
CA SER A 208 14.74 -0.82 11.35
C SER A 208 14.23 0.33 12.22
N ILE A 209 13.50 -0.02 13.29
CA ILE A 209 13.05 1.00 14.23
C ILE A 209 14.24 1.65 14.92
N ASN A 210 15.32 0.91 15.11
CA ASN A 210 16.51 1.54 15.69
C ASN A 210 17.14 2.52 14.73
N ASP A 211 17.10 2.25 13.42
CA ASP A 211 17.57 3.23 12.45
C ASP A 211 16.69 4.48 12.47
N VAL A 212 15.36 4.28 12.60
CA VAL A 212 14.44 5.40 12.68
C VAL A 212 14.77 6.25 13.90
N ILE A 213 15.01 5.61 15.04
CA ILE A 213 15.28 6.37 16.25
C ILE A 213 16.57 7.17 16.12
N ALA A 214 17.60 6.58 15.51
CA ALA A 214 18.86 7.30 15.28
C ALA A 214 18.65 8.47 14.33
N GLU A 215 17.83 8.29 13.28
CA GLU A 215 17.56 9.40 12.39
C GLU A 215 16.76 10.49 13.08
N LEU A 216 15.75 10.11 13.87
CA LEU A 216 14.99 11.10 14.61
C LEU A 216 15.90 11.96 15.49
N LYS A 217 16.87 11.32 16.14
CA LYS A 217 17.72 12.04 17.07
C LYS A 217 18.46 13.18 16.36
N GLU A 218 18.76 13.00 15.07
CA GLU A 218 19.51 13.99 14.32
C GLU A 218 18.65 15.20 13.92
N THR A 219 17.32 15.07 13.97
CA THR A 219 16.45 16.15 13.50
C THR A 219 16.21 17.23 14.54
N GLY A 220 16.29 16.90 15.83
CA GLY A 220 15.89 17.82 16.87
C GLY A 220 14.41 17.80 17.22
N ALA A 221 13.60 17.02 16.51
CA ALA A 221 12.19 16.88 16.86
C ALA A 221 12.03 16.23 18.22
N THR A 222 10.97 16.60 18.92
CA THR A 222 10.55 15.88 20.11
C THR A 222 9.16 15.28 20.00
N ALA A 223 8.43 15.59 18.92
CA ALA A 223 7.11 15.03 18.65
C ALA A 223 7.16 14.31 17.31
N VAL A 224 6.38 13.22 17.21
CA VAL A 224 6.35 12.36 16.03
C VAL A 224 4.90 12.10 15.68
N THR A 225 4.56 12.20 14.39
CA THR A 225 3.32 11.66 13.84
C THR A 225 3.67 10.44 13.00
N MET A 226 3.00 9.31 13.23
CA MET A 226 3.21 8.11 12.43
C MET A 226 2.03 7.74 11.54
N MET A 227 2.38 7.05 10.46
CA MET A 227 1.48 6.54 9.47
C MET A 227 2.07 5.26 8.87
N PRO A 228 1.24 4.26 8.55
CA PRO A 228 1.78 3.07 7.84
C PRO A 228 2.08 3.40 6.39
N LEU A 229 3.26 2.96 5.94
CA LEU A 229 3.67 3.04 4.53
C LEU A 229 3.19 1.78 3.83
N MET A 230 1.86 1.66 3.76
CA MET A 230 1.12 0.49 3.34
C MET A 230 -0.13 0.95 2.61
N SER A 231 -0.65 0.10 1.72
CA SER A 231 -1.83 0.49 0.96
C SER A 231 -3.05 0.68 1.85
N VAL A 232 -3.23 -0.18 2.86
CA VAL A 232 -4.35 -0.09 3.79
C VAL A 232 -3.82 -0.27 5.22
N ALA A 233 -4.60 0.20 6.18
CA ALA A 233 -4.19 0.11 7.58
C ALA A 233 -4.77 -1.17 8.16
N GLY A 234 -4.13 -2.28 7.80
CA GLY A 234 -4.59 -3.59 8.21
C GLY A 234 -4.48 -3.78 9.71
N ASP A 235 -5.16 -4.81 10.20
CA ASP A 235 -5.24 -5.03 11.64
C ASP A 235 -3.86 -5.28 12.25
N HIS A 236 -3.08 -6.17 11.63
CA HIS A 236 -1.75 -6.46 12.16
C HIS A 236 -0.88 -5.21 12.16
N ALA A 237 -0.92 -4.43 11.06
CA ALA A 237 -0.10 -3.23 10.96
C ALA A 237 -0.46 -2.21 12.03
N THR A 238 -1.76 -2.03 12.26
CA THR A 238 -2.24 -1.14 13.31
C THR A 238 -1.68 -1.53 14.68
N ASN A 239 -1.61 -2.83 14.97
CA ASN A 239 -0.98 -3.25 16.23
C ASN A 239 0.52 -2.99 16.22
N ASP A 240 1.21 -3.33 15.12
CA ASP A 240 2.65 -3.09 15.05
C ASP A 240 2.96 -1.62 15.28
N MET A 241 2.08 -0.74 14.82
CA MET A 241 2.33 0.69 14.86
C MET A 241 1.92 1.30 16.19
N ALA A 242 0.69 1.05 16.63
CA ALA A 242 0.09 1.87 17.67
C ALA A 242 -0.42 1.08 18.86
N GLY A 243 -0.23 -0.23 18.90
CA GLY A 243 -0.70 -1.03 20.01
C GLY A 243 0.07 -0.78 21.30
N ASP A 244 -0.47 -1.31 22.40
CA ASP A 244 0.16 -1.19 23.70
C ASP A 244 1.22 -2.26 23.93
N GLU A 245 1.43 -3.15 22.97
CA GLU A 245 2.47 -4.15 23.07
C GLU A 245 3.82 -3.49 23.35
N ASP A 246 4.68 -4.23 24.07
CA ASP A 246 5.96 -3.67 24.48
C ASP A 246 6.84 -3.28 23.30
N ASP A 247 6.63 -3.89 22.13
CA ASP A 247 7.49 -3.60 20.98
C ASP A 247 6.75 -2.89 19.84
N SER A 248 5.56 -2.34 20.09
CA SER A 248 4.94 -1.49 19.08
C SER A 248 5.79 -0.26 18.86
N TRP A 249 5.68 0.33 17.67
CA TRP A 249 6.49 1.52 17.38
C TRP A 249 6.10 2.68 18.30
N LYS A 250 4.81 2.83 18.61
CA LYS A 250 4.38 3.86 19.56
C LYS A 250 5.07 3.68 20.91
N THR A 251 5.08 2.46 21.43
CA THR A 251 5.75 2.22 22.71
C THR A 251 7.24 2.50 22.61
N LEU A 252 7.90 2.02 21.55
CA LEU A 252 9.35 2.15 21.47
C LEU A 252 9.76 3.61 21.28
N LEU A 253 8.98 4.38 20.51
CA LEU A 253 9.28 5.80 20.36
C LEU A 253 9.00 6.55 21.65
N THR A 254 7.94 6.18 22.37
CA THR A 254 7.66 6.85 23.64
C THR A 254 8.72 6.51 24.68
N ASN A 255 9.22 5.28 24.69
CA ASN A 255 10.34 4.91 25.56
C ASN A 255 11.56 5.77 25.28
N ALA A 256 11.77 6.16 24.03
CA ALA A 256 12.88 7.02 23.64
C ALA A 256 12.65 8.48 24.03
N GLY A 257 11.44 8.84 24.44
CA GLY A 257 11.16 10.17 24.93
C GLY A 257 10.35 11.03 24.00
N TYR A 258 9.84 10.47 22.91
CA TYR A 258 9.06 11.24 21.96
C TYR A 258 7.60 11.26 22.37
N THR A 259 6.93 12.36 22.01
CA THR A 259 5.47 12.43 22.09
C THR A 259 4.91 11.98 20.75
N VAL A 260 4.09 10.93 20.78
CA VAL A 260 3.73 10.19 19.57
C VAL A 260 2.25 10.36 19.27
N SER A 261 1.95 10.68 18.01
CA SER A 261 0.59 10.78 17.50
C SER A 261 0.47 9.87 16.29
N ILE A 262 -0.72 9.31 16.07
CA ILE A 262 -0.99 8.47 14.90
C ILE A 262 -1.84 9.29 13.93
N ASP A 263 -1.44 9.33 12.65
CA ASP A 263 -2.24 10.07 11.69
C ASP A 263 -3.60 9.41 11.46
N LYS A 264 -4.64 10.25 11.43
CA LYS A 264 -6.00 9.76 11.25
C LYS A 264 -6.68 10.48 10.08
N LEU A 265 -7.64 9.80 9.47
CA LEU A 265 -8.55 10.43 8.53
C LEU A 265 -9.56 11.30 9.27
N ASP A 266 -10.27 12.14 8.50
CA ASP A 266 -11.32 12.96 9.10
C ASP A 266 -12.38 12.12 9.77
N ASN A 267 -12.62 10.91 9.27
CA ASN A 267 -13.60 10.03 9.90
C ASN A 267 -13.06 9.31 11.14
N GLY A 268 -11.80 9.55 11.52
CA GLY A 268 -11.25 8.97 12.73
C GLY A 268 -10.45 7.69 12.54
N ASN A 269 -10.54 7.04 11.38
CA ASN A 269 -9.76 5.84 11.14
C ASN A 269 -8.28 6.19 11.04
N PHE A 270 -7.41 5.25 11.42
CA PHE A 270 -6.01 5.42 11.08
C PHE A 270 -5.88 5.51 9.56
N SER A 271 -5.01 6.41 9.10
CA SER A 271 -4.80 6.61 7.68
C SER A 271 -3.83 5.58 7.10
N ALA A 272 -3.91 5.42 5.78
CA ALA A 272 -2.95 4.61 5.02
C ALA A 272 -2.82 5.23 3.65
N LEU A 273 -1.86 4.71 2.87
CA LEU A 273 -1.54 5.34 1.59
C LEU A 273 -2.73 5.36 0.64
N GLY A 274 -3.52 4.28 0.62
CA GLY A 274 -4.61 4.23 -0.35
C GLY A 274 -5.73 5.22 -0.08
N ASP A 275 -5.76 5.82 1.11
CA ASP A 275 -6.74 6.85 1.43
C ASP A 275 -6.47 8.17 0.74
N ILE A 276 -5.29 8.35 0.14
CA ILE A 276 -4.91 9.64 -0.45
C ILE A 276 -5.16 9.55 -1.95
N GLU A 277 -5.95 10.50 -2.49
CA GLU A 277 -6.39 10.38 -3.88
C GLU A 277 -5.20 10.40 -4.83
N GLU A 278 -4.21 11.26 -4.56
CA GLU A 278 -3.06 11.32 -5.45
C GLU A 278 -2.21 10.05 -5.41
N ILE A 279 -2.21 9.31 -4.30
CA ILE A 279 -1.58 8.00 -4.28
C ILE A 279 -2.36 7.02 -5.15
N ARG A 280 -3.70 7.02 -5.02
CA ARG A 280 -4.52 6.11 -5.82
C ARG A 280 -4.26 6.34 -7.30
N ASN A 281 -4.01 7.61 -7.67
CA ASN A 281 -3.74 7.94 -9.08
C ASN A 281 -2.44 7.31 -9.58
N ILE A 282 -1.50 6.99 -8.69
CA ILE A 282 -0.27 6.39 -9.16
C ILE A 282 -0.52 4.96 -9.61
N TRP A 283 -1.27 4.16 -8.81
CA TRP A 283 -1.69 2.86 -9.30
C TRP A 283 -2.45 3.01 -10.60
N LEU A 284 -3.28 4.04 -10.69
CA LEU A 284 -4.09 4.26 -11.88
C LEU A 284 -3.22 4.46 -13.11
N LYS A 285 -2.21 5.33 -13.00
CA LYS A 285 -1.28 5.57 -14.10
C LYS A 285 -0.49 4.32 -14.44
N HIS A 286 -0.10 3.53 -13.43
CA HIS A 286 0.68 2.33 -13.68
C HIS A 286 -0.06 1.34 -14.57
N MET A 287 -1.40 1.33 -14.47
CA MET A 287 -2.17 0.38 -15.26
C MET A 287 -1.98 0.59 -16.76
N LYS A 288 -1.58 1.78 -17.19
CA LYS A 288 -1.41 2.07 -18.62
C LYS A 288 -0.01 2.60 -18.96
N ALA A 289 0.95 2.47 -18.06
CA ALA A 289 2.27 3.07 -18.27
C ALA A 289 3.00 2.36 -19.40
N THR A 290 3.87 3.12 -20.07
CA THR A 290 4.59 2.64 -21.26
C THR A 290 5.92 1.99 -20.87
MG MG B . -3.42 14.18 1.89
MG MG C . -9.64 9.35 2.26
MG MG D . -7.67 3.99 6.55
MG MG E . 4.97 -1.66 3.55
MG MG F . 3.84 -4.62 -0.85
C1 GOL G . -7.81 14.41 4.43
O1 GOL G . -7.96 15.49 5.31
C2 GOL G . -7.82 13.09 5.29
O2 GOL G . -7.01 13.17 6.41
C3 GOL G . -9.31 12.86 5.67
O3 GOL G . -9.86 11.87 4.84
#